data_5IEY
#
_entry.id   5IEY
#
_cell.length_a   53.337
_cell.length_b   71.983
_cell.length_c   72.037
_cell.angle_alpha   90.00
_cell.angle_beta   90.00
_cell.angle_gamma   90.00
#
_symmetry.space_group_name_H-M   'P 21 21 21'
#
loop_
_entity.id
_entity.type
_entity.pdbx_description
1 polymer 'Cyclin-dependent kinase 2'
2 non-polymer 4-[(4-{[(2R,3R)-3-hydroxybutan-2-yl]amino}pyrimidin-2-yl)amino]benzene-1-sulfonamide
3 water water
#
_entity_poly.entity_id   1
_entity_poly.type   'polypeptide(L)'
_entity_poly.pdbx_seq_one_letter_code
;MENFQKVEKIGEGTYGVVYKARNKLTGEVVALKKIRLDTETEGVPSTAIREISLLKELNHPNIVKLLDVIHTENKLYLVF
EFLHQDLKKFMDASALTGIPLPLIKSYLFQLLQGLAFCHSHRVLHRDLKPQNLLINTEGAIKLADFGLARAFGVPVRTYT
HEVVTLWYRAPEILLGCKYYSTAVDIWSLGCIFAEMVTRRALFPGDSEIDQLFRIFRTLGTPDEVVWPGVTSMPDYKPSF
PKWARQDFSKVVPPLDEDGRSLLSQMLHYDPNKRISAKAALAHPFFQDVTKPVPHLRL
;
_entity_poly.pdbx_strand_id   A
#
loop_
_chem_comp.id
_chem_comp.type
_chem_comp.name
_chem_comp.formula
6AE non-polymer 4-[(4-{[(2R,3R)-3-hydroxybutan-2-yl]amino}pyrimidin-2-yl)amino]benzene-1-sulfonamide 'C14 H19 N5 O3 S'
#
# COMPACT_ATOMS: atom_id res chain seq x y z
N MET A 1 -9.53 -6.87 -25.71
CA MET A 1 -8.58 -8.02 -25.60
C MET A 1 -7.97 -8.32 -26.96
N GLU A 2 -8.82 -8.39 -27.97
CA GLU A 2 -8.43 -8.43 -29.39
C GLU A 2 -7.36 -7.39 -29.81
N ASN A 3 -7.22 -6.32 -29.02
CA ASN A 3 -6.30 -5.25 -29.39
C ASN A 3 -4.89 -5.52 -28.87
N PHE A 4 -4.77 -6.54 -28.05
CA PHE A 4 -3.52 -6.82 -27.36
C PHE A 4 -3.10 -8.25 -27.56
N GLN A 5 -1.79 -8.48 -27.52
CA GLN A 5 -1.26 -9.81 -27.51
C GLN A 5 -0.72 -10.01 -26.13
N LYS A 6 -1.29 -10.96 -25.41
CA LYS A 6 -0.78 -11.35 -24.08
C LYS A 6 0.65 -11.88 -24.17
N VAL A 7 1.49 -11.47 -23.21
CA VAL A 7 2.84 -11.94 -23.13
C VAL A 7 2.95 -12.94 -21.97
N GLU A 8 2.50 -12.56 -20.80
CA GLU A 8 2.48 -13.47 -19.67
C GLU A 8 1.60 -12.88 -18.55
N LYS A 9 1.02 -13.80 -17.77
CA LYS A 9 0.36 -13.44 -16.54
C LYS A 9 1.35 -12.86 -15.52
N ILE A 10 1.03 -11.69 -14.97
CA ILE A 10 1.86 -11.04 -13.93
C ILE A 10 1.22 -10.82 -12.56
N GLY A 11 -0.08 -11.02 -12.45
CA GLY A 11 -0.73 -10.95 -11.16
C GLY A 11 -2.08 -11.59 -11.21
N GLU A 12 -2.58 -11.89 -10.00
CA GLU A 12 -3.93 -12.40 -9.78
C GLU A 12 -4.40 -11.71 -8.50
N GLY A 13 -5.46 -10.93 -8.61
CA GLY A 13 -5.90 -10.10 -7.50
C GLY A 13 -7.37 -10.32 -7.24
N THR A 14 -7.90 -9.63 -6.25
CA THR A 14 -9.32 -9.69 -5.92
C THR A 14 -10.19 -9.30 -7.11
N TYR A 15 -9.76 -8.28 -7.88
CA TYR A 15 -10.57 -7.75 -8.99
C TYR A 15 -10.14 -8.22 -10.35
N GLY A 16 -9.17 -9.13 -10.46
CA GLY A 16 -8.97 -9.77 -11.76
C GLY A 16 -7.54 -10.13 -12.00
N VAL A 17 -7.28 -10.66 -13.20
CA VAL A 17 -5.98 -11.17 -13.56
C VAL A 17 -5.29 -10.05 -14.29
N VAL A 18 -3.97 -9.94 -14.12
CA VAL A 18 -3.23 -8.90 -14.86
C VAL A 18 -2.23 -9.59 -15.77
N TYR A 19 -2.15 -9.12 -17.00
CA TYR A 19 -1.21 -9.64 -17.97
C TYR A 19 -0.24 -8.55 -18.38
N LYS A 20 1.01 -8.94 -18.65
CA LYS A 20 1.90 -8.07 -19.48
C LYS A 20 1.43 -8.34 -20.90
N ALA A 21 1.21 -7.27 -21.66
CA ALA A 21 0.65 -7.41 -23.01
C ALA A 21 1.26 -6.37 -23.94
N ARG A 22 1.14 -6.61 -25.23
CA ARG A 22 1.57 -5.63 -26.22
C ARG A 22 0.41 -5.15 -27.10
N ASN A 23 0.26 -3.84 -27.25
CA ASN A 23 -0.74 -3.29 -28.17
C ASN A 23 -0.42 -3.76 -29.60
N LYS A 24 -1.40 -4.36 -30.25
CA LYS A 24 -1.17 -4.94 -31.57
C LYS A 24 -0.85 -3.87 -32.63
N LEU A 25 -1.46 -2.70 -32.50
CA LEU A 25 -1.30 -1.62 -33.48
C LEU A 25 0.02 -0.84 -33.30
N THR A 26 0.37 -0.56 -32.06
CA THR A 26 1.49 0.34 -31.79
C THR A 26 2.74 -0.36 -31.29
N GLY A 27 2.56 -1.56 -30.77
CA GLY A 27 3.63 -2.23 -30.06
C GLY A 27 3.87 -1.77 -28.62
N GLU A 28 3.03 -0.89 -28.05
CA GLU A 28 3.22 -0.44 -26.66
C GLU A 28 3.10 -1.67 -25.74
N VAL A 29 3.95 -1.73 -24.71
CA VAL A 29 3.92 -2.77 -23.72
C VAL A 29 3.24 -2.14 -22.53
N VAL A 30 2.25 -2.87 -21.98
CA VAL A 30 1.36 -2.39 -20.96
C VAL A 30 1.06 -3.54 -19.98
N ALA A 31 0.39 -3.19 -18.89
CA ALA A 31 -0.20 -4.16 -17.95
C ALA A 31 -1.74 -4.09 -18.20
N LEU A 32 -2.33 -5.22 -18.46
CA LEU A 32 -3.72 -5.29 -18.88
C LEU A 32 -4.43 -6.01 -17.80
N LYS A 33 -5.35 -5.32 -17.12
CA LYS A 33 -6.16 -5.90 -16.08
C LYS A 33 -7.60 -6.14 -16.54
N LYS A 34 -8.01 -7.40 -16.51
CA LYS A 34 -9.35 -7.86 -16.84
C LYS A 34 -10.16 -7.89 -15.55
N ILE A 35 -11.13 -7.00 -15.43
CA ILE A 35 -11.85 -6.78 -14.15
C ILE A 35 -12.87 -7.88 -14.03
N ARG A 36 -12.94 -8.45 -12.83
CA ARG A 36 -13.77 -9.65 -12.59
C ARG A 36 -15.25 -9.32 -12.40
N LEU A 37 -16.09 -10.02 -13.15
CA LEU A 37 -17.49 -9.66 -13.29
C LEU A 37 -18.36 -10.92 -13.14
N GLY A 43 -24.34 -5.21 -16.68
CA GLY A 43 -22.92 -5.45 -16.91
C GLY A 43 -22.08 -4.79 -15.84
N VAL A 44 -21.13 -3.95 -16.24
CA VAL A 44 -20.35 -3.19 -15.27
C VAL A 44 -21.29 -2.17 -14.66
N PRO A 45 -21.37 -2.11 -13.31
CA PRO A 45 -22.27 -1.07 -12.78
C PRO A 45 -21.81 0.33 -13.18
N SER A 46 -22.78 1.21 -13.46
CA SER A 46 -22.53 2.60 -13.84
C SER A 46 -21.61 3.34 -12.86
N THR A 47 -21.85 3.16 -11.56
CA THR A 47 -21.05 3.82 -10.54
C THR A 47 -19.56 3.47 -10.58
N ALA A 48 -19.27 2.19 -10.85
CA ALA A 48 -17.89 1.76 -11.03
C ALA A 48 -17.28 2.47 -12.24
N ILE A 49 -18.02 2.58 -13.32
CA ILE A 49 -17.52 3.26 -14.52
C ILE A 49 -17.14 4.69 -14.20
N ARG A 50 -17.95 5.39 -13.41
CA ARG A 50 -17.71 6.80 -13.14
C ARG A 50 -16.51 7.01 -12.23
N GLU A 51 -16.39 6.16 -11.20
CA GLU A 51 -15.27 6.19 -10.31
C GLU A 51 -13.99 5.87 -11.04
N ILE A 52 -14.04 4.87 -11.94
CA ILE A 52 -12.82 4.55 -12.67
C ILE A 52 -12.44 5.72 -13.56
N SER A 53 -13.42 6.35 -14.18
CA SER A 53 -13.15 7.50 -15.05
C SER A 53 -12.53 8.70 -14.32
N LEU A 54 -12.86 8.89 -13.04
CA LEU A 54 -12.18 9.87 -12.21
C LEU A 54 -10.72 9.45 -12.01
N LEU A 55 -10.44 8.16 -11.89
CA LEU A 55 -9.06 7.68 -11.69
C LEU A 55 -8.18 8.00 -12.90
N LYS A 56 -8.77 8.05 -14.07
CA LYS A 56 -7.98 8.38 -15.26
C LYS A 56 -7.33 9.75 -15.23
N GLU A 57 -7.94 10.70 -14.53
CA GLU A 57 -7.35 12.02 -14.42
C GLU A 57 -6.45 12.18 -13.17
N LEU A 58 -6.35 11.15 -12.33
CA LEU A 58 -5.58 11.23 -11.06
C LEU A 58 -4.15 10.87 -11.38
N ASN A 59 -3.47 11.74 -12.14
CA ASN A 59 -2.15 11.49 -12.65
C ASN A 59 -1.06 12.15 -11.78
N HIS A 60 -0.01 11.34 -11.49
CA HIS A 60 1.12 11.80 -10.67
C HIS A 60 2.35 10.91 -10.95
N PRO A 61 3.56 11.45 -10.80
CA PRO A 61 4.73 10.60 -11.12
C PRO A 61 4.86 9.37 -10.23
N ASN A 62 4.25 9.42 -9.04
CA ASN A 62 4.35 8.26 -8.14
C ASN A 62 3.05 7.44 -8.07
N ILE A 63 2.26 7.53 -9.12
CA ILE A 63 1.07 6.75 -9.29
C ILE A 63 1.11 6.07 -10.65
N VAL A 64 0.95 4.75 -10.67
CA VAL A 64 0.92 4.03 -11.92
C VAL A 64 -0.14 4.59 -12.89
N LYS A 65 0.29 5.01 -14.06
CA LYS A 65 -0.61 5.69 -15.01
C LYS A 65 -1.64 4.72 -15.55
N LEU A 66 -2.89 5.11 -15.38
CA LEU A 66 -3.99 4.41 -16.02
C LEU A 66 -4.16 4.97 -17.41
N LEU A 67 -3.79 4.19 -18.42
CA LEU A 67 -3.75 4.72 -19.79
C LEU A 67 -5.13 4.77 -20.40
N ASP A 68 -5.86 3.68 -20.27
CA ASP A 68 -7.15 3.60 -20.91
C ASP A 68 -8.06 2.75 -20.10
N VAL A 69 -9.34 3.11 -20.15
CA VAL A 69 -10.38 2.26 -19.65
C VAL A 69 -11.16 1.85 -20.87
N ILE A 70 -11.32 0.54 -21.00
CA ILE A 70 -11.94 -0.03 -22.14
C ILE A 70 -13.15 -0.76 -21.65
N HIS A 71 -14.27 -0.12 -21.93
CA HIS A 71 -15.54 -0.61 -21.57
C HIS A 71 -16.23 -0.94 -22.86
N THR A 72 -16.12 -2.21 -23.26
CA THR A 72 -16.78 -2.73 -24.42
C THR A 72 -17.27 -4.16 -24.19
N GLU A 73 -18.24 -4.54 -25.03
CA GLU A 73 -18.99 -5.81 -24.95
C GLU A 73 -19.33 -6.18 -23.50
N ASN A 74 -19.75 -5.18 -22.70
CA ASN A 74 -20.00 -5.31 -21.25
C ASN A 74 -18.92 -5.92 -20.35
N LYS A 75 -17.68 -5.71 -20.77
CA LYS A 75 -16.49 -6.08 -20.04
C LYS A 75 -15.69 -4.83 -19.76
N LEU A 76 -14.90 -4.91 -18.74
CA LEU A 76 -14.06 -3.80 -18.35
C LEU A 76 -12.60 -4.22 -18.27
N TYR A 77 -11.77 -3.53 -19.02
CA TYR A 77 -10.31 -3.72 -18.96
C TYR A 77 -9.70 -2.45 -18.60
N LEU A 78 -8.67 -2.49 -17.71
CA LEU A 78 -7.92 -1.36 -17.40
C LEU A 78 -6.53 -1.60 -18.05
N VAL A 79 -6.04 -0.58 -18.72
CA VAL A 79 -4.75 -0.63 -19.35
C VAL A 79 -3.86 0.32 -18.58
N PHE A 80 -2.78 -0.22 -18.01
CA PHE A 80 -1.85 0.53 -17.17
C PHE A 80 -0.54 0.64 -17.87
N GLU A 81 0.20 1.68 -17.56
CA GLU A 81 1.65 1.66 -17.91
C GLU A 81 2.30 0.49 -17.24
N PHE A 82 3.28 -0.08 -17.89
CA PHE A 82 3.98 -1.29 -17.39
C PHE A 82 5.21 -0.85 -16.64
N LEU A 83 5.35 -1.31 -15.41
CA LEU A 83 6.56 -1.12 -14.63
C LEU A 83 7.34 -2.38 -14.56
N HIS A 84 8.65 -2.33 -14.27
N HIS A 84 8.56 -2.20 -14.09
CA HIS A 84 9.35 -3.61 -14.47
CA HIS A 84 9.51 -3.23 -14.28
C HIS A 84 9.41 -4.59 -13.30
C HIS A 84 9.52 -4.41 -13.31
N GLN A 85 9.17 -4.16 -12.06
CA GLN A 85 9.26 -5.13 -10.98
C GLN A 85 8.43 -4.62 -9.83
N ASP A 86 7.93 -5.52 -8.97
CA ASP A 86 7.22 -5.09 -7.75
C ASP A 86 8.14 -5.13 -6.51
N LEU A 87 7.72 -4.42 -5.46
CA LEU A 87 8.56 -4.31 -4.25
C LEU A 87 8.74 -5.63 -3.53
N LYS A 88 7.74 -6.50 -3.56
CA LYS A 88 7.87 -7.83 -3.00
C LYS A 88 9.06 -8.56 -3.63
N LYS A 89 9.04 -8.68 -4.96
CA LYS A 89 10.14 -9.34 -5.66
C LYS A 89 11.50 -8.69 -5.39
N PHE A 90 11.59 -7.33 -5.34
CA PHE A 90 12.78 -6.60 -5.01
C PHE A 90 13.24 -6.87 -3.61
N MET A 91 12.30 -6.81 -2.65
CA MET A 91 12.69 -7.22 -1.29
C MET A 91 13.21 -8.58 -1.15
N ASP A 92 12.54 -9.55 -1.77
CA ASP A 92 13.00 -10.92 -1.77
C ASP A 92 14.36 -11.01 -2.44
N ALA A 93 14.56 -10.29 -3.56
CA ALA A 93 15.89 -10.27 -4.20
C ALA A 93 17.04 -9.68 -3.40
N SER A 94 16.73 -8.75 -2.49
CA SER A 94 17.68 -7.99 -1.68
C SER A 94 17.76 -8.55 -0.26
N ALA A 95 17.34 -9.79 -0.04
CA ALA A 95 17.19 -10.27 1.34
C ALA A 95 18.49 -10.65 2.03
N LEU A 96 19.57 -10.88 1.30
CA LEU A 96 20.87 -11.15 1.88
C LEU A 96 21.47 -9.96 2.56
N THR A 97 21.40 -8.79 1.94
CA THR A 97 22.07 -7.60 2.50
C THR A 97 21.12 -6.54 2.89
N GLY A 98 19.86 -6.62 2.43
CA GLY A 98 18.95 -5.51 2.73
C GLY A 98 19.00 -4.39 1.70
N ILE A 99 17.85 -3.85 1.41
CA ILE A 99 17.76 -2.59 0.68
C ILE A 99 18.60 -1.55 1.41
N PRO A 100 19.53 -0.95 0.69
CA PRO A 100 20.31 0.12 1.33
C PRO A 100 19.38 1.22 1.91
N LEU A 101 19.71 1.72 3.09
CA LEU A 101 18.87 2.75 3.73
C LEU A 101 18.53 3.97 2.87
N PRO A 102 19.53 4.50 2.13
CA PRO A 102 19.20 5.66 1.28
C PRO A 102 18.11 5.33 0.26
N LEU A 103 18.08 4.10 -0.27
CA LEU A 103 17.04 3.70 -1.20
C LEU A 103 15.64 3.52 -0.52
N ILE A 104 15.66 2.88 0.64
CA ILE A 104 14.46 2.81 1.51
C ILE A 104 13.90 4.21 1.71
N LYS A 105 14.75 5.14 2.08
CA LYS A 105 14.28 6.47 2.39
C LYS A 105 13.72 7.17 1.17
N SER A 106 14.42 7.01 0.05
CA SER A 106 13.88 7.49 -1.23
C SER A 106 12.49 6.91 -1.61
N TYR A 107 12.34 5.62 -1.49
CA TYR A 107 11.08 4.95 -1.80
C TYR A 107 9.96 5.46 -0.84
N LEU A 108 10.30 5.58 0.44
CA LEU A 108 9.29 6.07 1.41
C LEU A 108 8.82 7.52 1.03
N PHE A 109 9.81 8.42 0.78
CA PHE A 109 9.57 9.76 0.44
C PHE A 109 8.69 9.88 -0.81
N GLN A 110 9.00 9.10 -1.85
CA GLN A 110 8.19 9.13 -3.05
C GLN A 110 6.76 8.62 -2.84
N LEU A 111 6.64 7.53 -2.09
CA LEU A 111 5.31 7.02 -1.80
C LEU A 111 4.48 8.01 -0.99
N LEU A 112 5.11 8.71 -0.02
CA LEU A 112 4.48 9.78 0.67
C LEU A 112 4.05 10.89 -0.25
N GLN A 113 4.81 11.16 -1.29
CA GLN A 113 4.39 12.21 -2.23
C GLN A 113 3.16 11.79 -2.98
N GLY A 114 3.18 10.55 -3.47
CA GLY A 114 2.01 9.94 -4.09
C GLY A 114 0.74 9.91 -3.24
N LEU A 115 0.91 9.51 -1.97
CA LEU A 115 -0.24 9.58 -1.10
C LEU A 115 -0.72 11.01 -0.83
N ALA A 116 0.20 11.95 -0.59
CA ALA A 116 -0.24 13.31 -0.30
C ALA A 116 -1.10 13.79 -1.49
N PHE A 117 -0.65 13.47 -2.68
CA PHE A 117 -1.40 13.91 -3.88
C PHE A 117 -2.81 13.25 -3.90
N CYS A 118 -2.85 11.92 -3.78
N CYS A 118 -2.91 11.94 -3.78
CA CYS A 118 -4.15 11.22 -3.78
CA CYS A 118 -4.27 11.38 -3.84
C CYS A 118 -5.07 11.74 -2.67
C CYS A 118 -5.12 11.78 -2.66
N HIS A 119 -4.54 11.82 -1.45
CA HIS A 119 -5.29 12.29 -0.34
C HIS A 119 -5.81 13.69 -0.52
N SER A 120 -5.02 14.54 -1.14
CA SER A 120 -5.48 15.87 -1.42
C SER A 120 -6.69 15.94 -2.36
N HIS A 121 -6.89 14.93 -3.18
CA HIS A 121 -8.08 14.76 -3.99
C HIS A 121 -9.15 13.85 -3.36
N ARG A 122 -9.02 13.55 -2.07
CA ARG A 122 -9.92 12.70 -1.31
C ARG A 122 -10.02 11.29 -1.84
N VAL A 123 -8.94 10.78 -2.44
CA VAL A 123 -8.91 9.39 -2.93
C VAL A 123 -8.00 8.61 -1.98
N LEU A 124 -8.48 7.46 -1.53
CA LEU A 124 -7.78 6.53 -0.70
C LEU A 124 -7.34 5.30 -1.54
N HIS A 125 -6.22 4.69 -1.18
CA HIS A 125 -5.88 3.36 -1.71
C HIS A 125 -6.66 2.25 -1.08
N ARG A 126 -6.46 2.07 0.23
CA ARG A 126 -7.16 1.12 1.12
C ARG A 126 -6.51 -0.24 1.16
N ASP A 127 -5.60 -0.53 0.22
CA ASP A 127 -5.00 -1.85 0.17
C ASP A 127 -3.51 -1.79 -0.28
N LEU A 128 -2.76 -0.90 0.31
CA LEU A 128 -1.31 -0.86 0.04
C LEU A 128 -0.62 -2.12 0.51
N LYS A 129 0.30 -2.65 -0.30
CA LYS A 129 1.09 -3.78 0.09
C LYS A 129 2.27 -3.88 -0.91
N PRO A 130 3.30 -4.63 -0.58
CA PRO A 130 4.48 -4.64 -1.48
C PRO A 130 4.14 -5.00 -2.92
N GLN A 131 3.21 -5.91 -3.09
CA GLN A 131 2.83 -6.35 -4.49
C GLN A 131 2.21 -5.25 -5.29
N ASN A 132 1.65 -4.19 -4.65
CA ASN A 132 1.09 -3.02 -5.33
CA ASN A 132 1.19 -3.08 -5.51
C ASN A 132 1.99 -1.81 -5.40
N LEU A 133 3.24 -1.97 -5.04
CA LEU A 133 4.21 -0.89 -5.15
C LEU A 133 5.18 -1.34 -6.27
N LEU A 134 5.31 -0.53 -7.30
CA LEU A 134 6.04 -0.95 -8.52
C LEU A 134 7.22 -0.02 -8.76
N ILE A 135 8.35 -0.59 -9.16
CA ILE A 135 9.61 0.11 -9.30
C ILE A 135 10.11 0.05 -10.76
N ASN A 136 11.00 0.97 -11.07
CA ASN A 136 11.68 0.98 -12.34
C ASN A 136 13.17 1.14 -12.17
N THR A 137 13.89 0.99 -13.31
CA THR A 137 15.33 1.17 -13.26
C THR A 137 15.85 2.53 -12.91
N GLU A 138 14.99 3.57 -13.09
CA GLU A 138 15.38 4.95 -12.90
C GLU A 138 15.36 5.42 -11.43
N GLY A 139 15.01 4.55 -10.48
CA GLY A 139 14.88 4.92 -9.08
C GLY A 139 13.50 5.28 -8.62
N ALA A 140 12.50 5.29 -9.50
CA ALA A 140 11.09 5.62 -9.11
C ALA A 140 10.38 4.47 -8.48
N ILE A 141 9.42 4.80 -7.62
CA ILE A 141 8.49 3.79 -7.09
C ILE A 141 7.08 4.39 -7.21
N LYS A 142 6.10 3.58 -7.57
CA LYS A 142 4.75 4.07 -7.85
C LYS A 142 3.67 3.19 -7.22
N LEU A 143 2.63 3.83 -6.72
CA LEU A 143 1.45 3.20 -6.18
C LEU A 143 0.59 2.67 -7.32
N ALA A 144 0.25 1.40 -7.28
CA ALA A 144 -0.62 0.76 -8.25
C ALA A 144 -1.95 0.28 -7.58
N ASP A 145 -2.94 0.18 -8.45
CA ASP A 145 -4.30 -0.15 -8.10
C ASP A 145 -4.90 0.89 -7.17
N PHE A 146 -4.45 2.11 -7.30
CA PHE A 146 -4.96 3.19 -6.47
C PHE A 146 -6.44 3.44 -6.77
N GLY A 147 -7.29 3.58 -5.75
CA GLY A 147 -8.70 3.96 -5.93
C GLY A 147 -9.62 2.84 -6.42
N LEU A 148 -9.05 1.69 -6.76
CA LEU A 148 -9.90 0.58 -7.26
C LEU A 148 -10.80 0.00 -6.15
N ALA A 149 -10.33 -0.04 -4.89
CA ALA A 149 -11.19 -0.69 -3.87
C ALA A 149 -12.55 0.05 -3.77
N ARG A 150 -12.51 1.37 -3.81
CA ARG A 150 -13.74 2.17 -3.64
C ARG A 150 -14.53 2.15 -4.94
N ALA A 151 -13.84 2.17 -6.09
CA ALA A 151 -14.55 2.04 -7.38
C ALA A 151 -15.39 0.78 -7.53
N PHE A 152 -14.84 -0.36 -7.10
CA PHE A 152 -15.52 -1.65 -7.28
C PHE A 152 -16.28 -2.05 -6.02
N GLY A 153 -15.71 -1.79 -4.85
CA GLY A 153 -16.39 -2.07 -3.60
C GLY A 153 -16.37 -3.52 -3.14
N VAL A 154 -15.46 -4.34 -3.67
CA VAL A 154 -15.51 -5.80 -3.40
C VAL A 154 -14.12 -6.35 -3.09
N GLU A 162 -4.64 -16.30 -4.05
CA GLU A 162 -6.08 -16.16 -3.90
C GLU A 162 -6.47 -15.72 -2.49
N VAL A 163 -5.59 -15.83 -1.49
CA VAL A 163 -5.96 -15.38 -0.12
C VAL A 163 -5.64 -13.89 0.04
N VAL A 164 -6.55 -13.13 0.62
CA VAL A 164 -6.33 -11.68 0.87
C VAL A 164 -5.26 -11.50 1.95
N THR A 165 -4.21 -10.75 1.69
CA THR A 165 -3.18 -10.50 2.76
C THR A 165 -3.71 -9.43 3.70
N LEU A 166 -3.65 -9.76 4.95
CA LEU A 166 -4.13 -8.81 6.02
C LEU A 166 -3.02 -8.03 6.69
N TRP A 167 -1.76 -8.26 6.28
CA TRP A 167 -0.60 -7.85 7.02
C TRP A 167 -0.46 -6.34 7.16
N TYR A 168 -1.10 -5.62 6.25
CA TYR A 168 -0.97 -4.19 6.15
C TYR A 168 -2.22 -3.43 6.56
N ARG A 169 -3.22 -4.16 7.05
CA ARG A 169 -4.53 -3.59 7.39
C ARG A 169 -4.46 -2.75 8.69
N ALA A 170 -4.94 -1.52 8.59
CA ALA A 170 -5.02 -0.63 9.77
C ALA A 170 -5.97 -1.23 10.85
N PRO A 171 -5.68 -0.94 12.13
CA PRO A 171 -6.49 -1.51 13.17
C PRO A 171 -7.96 -1.02 13.18
N GLU A 172 -8.22 0.23 12.75
CA GLU A 172 -9.61 0.68 12.67
C GLU A 172 -10.49 -0.13 11.68
N ILE A 173 -9.87 -0.66 10.65
CA ILE A 173 -10.56 -1.54 9.71
C ILE A 173 -10.88 -2.91 10.34
N LEU A 174 -9.89 -3.44 11.04
CA LEU A 174 -10.03 -4.68 11.75
C LEU A 174 -11.04 -4.62 12.83
N LEU A 175 -11.22 -3.43 13.41
CA LEU A 175 -12.16 -3.21 14.52
C LEU A 175 -13.57 -2.81 14.07
N GLY A 176 -13.72 -2.79 12.76
CA GLY A 176 -14.99 -2.73 12.11
C GLY A 176 -15.46 -1.37 11.71
N CYS A 177 -14.54 -0.41 11.58
N CYS A 177 -14.54 -0.42 11.55
CA CYS A 177 -14.97 0.95 11.20
CA CYS A 177 -14.99 0.90 11.15
C CYS A 177 -15.55 0.95 9.76
C CYS A 177 -15.58 0.92 9.74
N LYS A 178 -16.68 1.64 9.56
CA LYS A 178 -17.38 1.63 8.29
C LYS A 178 -16.80 2.65 7.38
N TYR A 179 -16.33 3.76 7.91
CA TYR A 179 -15.85 4.82 7.05
C TYR A 179 -14.32 4.85 7.15
N TYR A 180 -13.62 4.55 6.07
CA TYR A 180 -12.18 4.68 6.08
C TYR A 180 -11.74 6.13 5.92
N SER A 181 -10.65 6.49 6.59
CA SER A 181 -9.93 7.75 6.32
C SER A 181 -8.60 7.51 5.66
N THR A 182 -8.02 8.62 5.20
CA THR A 182 -6.65 8.59 4.58
C THR A 182 -5.62 7.94 5.49
N ALA A 183 -5.81 8.00 6.82
CA ALA A 183 -4.92 7.35 7.74
C ALA A 183 -4.71 5.84 7.52
N VAL A 184 -5.66 5.15 6.88
CA VAL A 184 -5.47 3.73 6.67
C VAL A 184 -4.20 3.48 5.79
N ASP A 185 -3.97 4.42 4.87
CA ASP A 185 -2.85 4.24 3.93
C ASP A 185 -1.52 4.54 4.56
N ILE A 186 -1.51 5.51 5.50
CA ILE A 186 -0.33 5.78 6.27
C ILE A 186 0.09 4.60 7.12
N TRP A 187 -0.90 3.96 7.77
CA TRP A 187 -0.64 2.75 8.53
C TRP A 187 0.02 1.66 7.66
N SER A 188 -0.59 1.38 6.49
CA SER A 188 -0.06 0.39 5.63
C SER A 188 1.38 0.73 5.21
N LEU A 189 1.64 1.96 4.82
CA LEU A 189 2.98 2.33 4.39
C LEU A 189 4.02 2.29 5.53
N GLY A 190 3.54 2.58 6.73
CA GLY A 190 4.36 2.37 7.93
C GLY A 190 4.84 0.90 8.09
N CYS A 191 3.88 -0.01 7.90
CA CYS A 191 4.16 -1.44 7.95
C CYS A 191 5.19 -1.82 6.93
N ILE A 192 5.00 -1.26 5.72
CA ILE A 192 5.95 -1.58 4.60
C ILE A 192 7.36 -1.00 4.86
N PHE A 193 7.43 0.22 5.36
CA PHE A 193 8.71 0.86 5.78
C PHE A 193 9.47 -0.10 6.74
N ALA A 194 8.81 -0.52 7.83
CA ALA A 194 9.41 -1.44 8.77
C ALA A 194 9.97 -2.70 8.15
N GLU A 195 9.18 -3.29 7.23
CA GLU A 195 9.53 -4.51 6.53
C GLU A 195 10.74 -4.34 5.62
N MET A 196 10.84 -3.20 4.94
CA MET A 196 12.04 -2.91 4.16
C MET A 196 13.30 -2.90 5.06
N VAL A 197 13.14 -2.29 6.24
CA VAL A 197 14.25 -2.09 7.12
C VAL A 197 14.68 -3.37 7.77
N THR A 198 13.72 -4.14 8.32
CA THR A 198 14.06 -5.37 9.06
C THR A 198 14.22 -6.65 8.25
N ARG A 199 13.68 -6.65 7.04
CA ARG A 199 13.52 -7.81 6.16
C ARG A 199 12.60 -8.90 6.72
N ARG A 200 11.64 -8.52 7.52
CA ARG A 200 10.56 -9.41 7.99
CA ARG A 200 10.54 -9.41 7.82
C ARG A 200 9.28 -8.56 8.01
N ALA A 201 8.17 -9.15 7.61
CA ALA A 201 6.87 -8.47 7.84
C ALA A 201 6.63 -8.11 9.30
N LEU A 202 6.10 -6.93 9.55
CA LEU A 202 5.97 -6.41 10.87
C LEU A 202 4.86 -7.19 11.65
N PHE A 203 3.71 -7.33 10.99
CA PHE A 203 2.48 -7.99 11.53
C PHE A 203 1.94 -9.08 10.57
N PRO A 204 2.56 -10.30 10.50
CA PRO A 204 2.09 -11.24 9.52
C PRO A 204 0.97 -12.15 10.00
N GLY A 205 -0.18 -11.56 10.18
CA GLY A 205 -1.37 -12.24 10.54
C GLY A 205 -1.97 -13.15 9.52
N ASP A 206 -2.54 -14.24 10.01
CA ASP A 206 -3.14 -15.17 9.02
CA ASP A 206 -3.14 -15.23 9.10
C ASP A 206 -4.65 -15.30 9.22
N SER A 207 -5.21 -14.42 10.02
CA SER A 207 -6.69 -14.29 10.14
C SER A 207 -6.94 -12.89 10.66
N GLU A 208 -8.19 -12.40 10.72
CA GLU A 208 -8.38 -11.07 11.23
C GLU A 208 -8.02 -10.93 12.68
N ILE A 209 -8.33 -11.95 13.48
CA ILE A 209 -8.04 -11.86 14.90
C ILE A 209 -6.55 -12.06 15.15
N ASP A 210 -5.90 -12.93 14.39
CA ASP A 210 -4.46 -13.10 14.55
C ASP A 210 -3.71 -11.77 14.16
N GLN A 211 -4.21 -11.10 13.12
CA GLN A 211 -3.67 -9.83 12.70
C GLN A 211 -3.84 -8.76 13.79
N LEU A 212 -5.07 -8.67 14.35
CA LEU A 212 -5.34 -7.72 15.42
C LEU A 212 -4.47 -8.00 16.64
N PHE A 213 -4.39 -9.30 17.05
CA PHE A 213 -3.63 -9.67 18.22
C PHE A 213 -2.09 -9.54 18.03
N ARG A 214 -1.61 -9.67 16.79
CA ARG A 214 -0.21 -9.40 16.54
C ARG A 214 0.09 -7.93 16.63
N ILE A 215 -0.83 -7.10 16.19
CA ILE A 215 -0.68 -5.65 16.42
C ILE A 215 -0.66 -5.31 17.91
N PHE A 216 -1.61 -5.88 18.66
CA PHE A 216 -1.73 -5.61 20.07
C PHE A 216 -0.50 -6.09 20.83
N ARG A 217 0.06 -7.24 20.47
CA ARG A 217 1.24 -7.80 21.15
C ARG A 217 2.46 -6.86 21.02
N THR A 218 2.54 -6.12 19.90
CA THR A 218 3.69 -5.24 19.62
C THR A 218 3.46 -3.83 20.09
N LEU A 219 2.30 -3.26 19.80
CA LEU A 219 2.05 -1.84 20.09
C LEU A 219 1.24 -1.62 21.44
N GLY A 220 0.86 -2.72 22.11
CA GLY A 220 0.07 -2.68 23.33
C GLY A 220 -1.40 -2.74 22.98
N THR A 221 -2.20 -3.39 23.83
CA THR A 221 -3.63 -3.41 23.56
C THR A 221 -4.14 -1.94 23.72
N PRO A 222 -4.81 -1.44 22.70
CA PRO A 222 -5.31 -0.06 22.79
C PRO A 222 -6.46 0.07 23.79
N ASP A 223 -6.52 1.25 24.43
CA ASP A 223 -7.52 1.52 25.39
C ASP A 223 -7.95 2.95 25.19
N GLU A 224 -8.84 3.45 26.06
CA GLU A 224 -9.38 4.82 25.94
C GLU A 224 -8.36 5.92 26.15
N VAL A 225 -7.25 5.61 26.79
CA VAL A 225 -6.20 6.61 26.96
C VAL A 225 -5.47 6.88 25.62
N VAL A 226 -5.01 5.84 24.93
CA VAL A 226 -4.21 6.04 23.73
C VAL A 226 -5.10 6.20 22.49
N TRP A 227 -6.35 5.77 22.61
CA TRP A 227 -7.31 5.78 21.46
C TRP A 227 -8.72 6.05 21.92
N PRO A 228 -9.01 7.32 22.20
CA PRO A 228 -10.33 7.62 22.69
C PRO A 228 -11.40 7.17 21.68
N GLY A 229 -12.42 6.48 22.20
CA GLY A 229 -13.50 5.96 21.39
C GLY A 229 -13.28 4.50 20.95
N VAL A 230 -12.08 3.95 21.21
CA VAL A 230 -11.77 2.58 20.77
C VAL A 230 -12.74 1.58 21.34
N THR A 231 -13.13 1.77 22.59
CA THR A 231 -13.90 0.72 23.22
C THR A 231 -15.35 0.64 22.72
N SER A 232 -15.77 1.62 21.90
CA SER A 232 -17.10 1.66 21.28
C SER A 232 -17.11 1.26 19.80
N MET A 233 -15.98 0.79 19.30
CA MET A 233 -15.94 0.36 17.92
C MET A 233 -16.66 -0.95 17.72
N PRO A 234 -17.12 -1.21 16.49
CA PRO A 234 -18.07 -2.37 16.37
C PRO A 234 -17.55 -3.77 16.78
N ASP A 235 -16.27 -4.06 16.53
CA ASP A 235 -15.71 -5.37 16.82
C ASP A 235 -14.78 -5.32 18.02
N TYR A 236 -14.81 -4.23 18.80
CA TYR A 236 -14.02 -4.17 20.03
C TYR A 236 -14.74 -5.04 21.08
N LYS A 237 -13.97 -5.89 21.76
CA LYS A 237 -14.49 -6.73 22.85
C LYS A 237 -13.70 -6.37 24.12
N PRO A 238 -14.41 -6.16 25.25
CA PRO A 238 -13.81 -5.87 26.50
C PRO A 238 -12.94 -7.05 26.91
N SER A 239 -13.25 -8.22 26.35
CA SER A 239 -12.54 -9.43 26.64
C SER A 239 -11.19 -9.55 25.92
N PHE A 240 -10.77 -8.59 25.09
CA PHE A 240 -9.47 -8.71 24.40
C PHE A 240 -8.38 -8.83 25.46
N PRO A 241 -7.35 -9.63 25.18
CA PRO A 241 -6.27 -9.63 26.17
C PRO A 241 -5.57 -8.31 26.24
N LYS A 242 -5.01 -8.02 27.42
CA LYS A 242 -4.32 -6.74 27.62
C LYS A 242 -2.81 -7.03 27.59
N TRP A 243 -2.16 -6.63 26.52
CA TRP A 243 -0.72 -6.82 26.34
C TRP A 243 -0.05 -5.45 26.52
N ALA A 244 1.14 -5.46 27.13
CA ALA A 244 1.92 -4.22 27.25
C ALA A 244 2.61 -3.80 25.91
N ARG A 245 2.76 -2.48 25.69
CA ARG A 245 3.49 -2.03 24.50
C ARG A 245 4.96 -2.40 24.61
N GLN A 246 5.57 -2.71 23.44
CA GLN A 246 7.03 -2.82 23.21
C GLN A 246 7.65 -1.49 22.75
N ASP A 247 8.97 -1.33 22.95
CA ASP A 247 9.69 -0.14 22.49
C ASP A 247 10.03 -0.31 21.04
N PHE A 248 9.95 0.77 20.24
CA PHE A 248 10.45 0.70 18.85
C PHE A 248 11.86 0.32 18.71
N SER A 249 12.65 0.56 19.78
CA SER A 249 14.01 0.09 19.75
C SER A 249 14.08 -1.42 19.47
N LYS A 250 13.13 -2.22 20.00
CA LYS A 250 13.09 -3.66 19.81
CA LYS A 250 13.14 -3.67 19.77
C LYS A 250 12.36 -4.05 18.51
N VAL A 251 11.43 -3.22 18.11
CA VAL A 251 10.57 -3.49 16.93
C VAL A 251 11.29 -3.31 15.57
N VAL A 252 12.09 -2.22 15.40
CA VAL A 252 12.87 -1.95 14.22
C VAL A 252 14.33 -1.46 14.52
N PRO A 253 15.20 -2.37 15.03
CA PRO A 253 16.65 -2.23 14.82
C PRO A 253 16.94 -2.59 13.35
N PRO A 254 17.78 -1.82 12.63
CA PRO A 254 18.65 -0.74 12.97
C PRO A 254 18.13 0.52 12.34
N LEU A 255 16.88 0.82 12.59
CA LEU A 255 16.37 2.08 12.16
C LEU A 255 16.89 3.13 13.13
N ASP A 256 17.42 4.23 12.57
CA ASP A 256 17.90 5.39 13.38
C ASP A 256 16.75 6.13 14.01
N GLU A 257 17.08 6.98 15.00
CA GLU A 257 16.04 7.55 15.81
C GLU A 257 15.07 8.40 15.03
N ASP A 258 15.49 9.04 13.95
CA ASP A 258 14.53 9.82 13.12
C ASP A 258 13.56 8.89 12.45
N GLY A 259 14.10 7.80 11.84
CA GLY A 259 13.23 6.79 11.26
C GLY A 259 12.22 6.23 12.26
N ARG A 260 12.69 5.95 13.48
CA ARG A 260 11.83 5.45 14.52
C ARG A 260 10.78 6.40 14.96
N SER A 261 11.11 7.69 15.10
CA SER A 261 10.10 8.70 15.41
C SER A 261 9.05 8.77 14.37
N LEU A 262 9.52 8.82 13.10
CA LEU A 262 8.54 8.88 12.02
C LEU A 262 7.66 7.60 11.95
N LEU A 263 8.26 6.45 12.08
CA LEU A 263 7.47 5.24 12.11
C LEU A 263 6.39 5.24 13.21
N SER A 264 6.81 5.64 14.40
CA SER A 264 5.88 5.68 15.52
C SER A 264 4.70 6.59 15.23
N GLN A 265 4.92 7.70 14.52
CA GLN A 265 3.83 8.55 14.14
C GLN A 265 2.91 8.00 13.02
N MET A 266 3.47 7.09 12.19
CA MET A 266 2.69 6.42 11.18
C MET A 266 1.88 5.30 11.72
N LEU A 267 2.28 4.80 12.91
CA LEU A 267 1.64 3.65 13.51
C LEU A 267 0.84 4.01 14.79
N HIS A 268 0.52 5.28 14.96
CA HIS A 268 -0.41 5.63 16.10
C HIS A 268 -1.74 4.89 15.92
N TYR A 269 -2.25 4.32 17.02
CA TYR A 269 -3.55 3.67 16.99
C TYR A 269 -4.66 4.59 16.50
N ASP A 270 -4.80 5.77 17.10
CA ASP A 270 -5.92 6.65 16.85
C ASP A 270 -5.64 7.23 15.45
N PRO A 271 -6.53 6.97 14.48
CA PRO A 271 -6.19 7.46 13.15
C PRO A 271 -6.06 8.96 13.12
N ASN A 272 -6.84 9.66 13.97
CA ASN A 272 -6.71 11.11 14.08
C ASN A 272 -5.35 11.60 14.57
N LYS A 273 -4.59 10.79 15.33
CA LYS A 273 -3.31 11.18 15.81
C LYS A 273 -2.21 10.83 14.76
N ARG A 274 -2.54 9.89 13.85
CA ARG A 274 -1.56 9.34 12.92
C ARG A 274 -1.12 10.47 11.96
N ILE A 275 0.16 10.51 11.60
CA ILE A 275 0.71 11.62 10.82
C ILE A 275 0.06 11.60 9.42
N SER A 276 -0.11 12.77 8.84
CA SER A 276 -0.58 12.82 7.46
C SER A 276 0.61 12.61 6.55
N ALA A 277 0.33 12.33 5.28
CA ALA A 277 1.39 12.22 4.31
C ALA A 277 2.13 13.53 4.12
N LYS A 278 1.37 14.62 4.09
CA LYS A 278 1.93 15.93 3.93
C LYS A 278 2.91 16.27 5.05
N ALA A 279 2.49 16.05 6.27
CA ALA A 279 3.33 16.26 7.47
C ALA A 279 4.57 15.35 7.56
N ALA A 280 4.36 14.10 7.18
CA ALA A 280 5.44 13.16 7.06
C ALA A 280 6.56 13.62 6.15
N LEU A 281 6.20 14.28 5.04
CA LEU A 281 7.22 14.77 4.11
C LEU A 281 8.20 15.80 4.74
N ALA A 282 7.76 16.51 5.78
CA ALA A 282 8.57 17.53 6.39
C ALA A 282 9.30 16.98 7.62
N HIS A 283 9.13 15.70 7.89
CA HIS A 283 9.75 15.06 9.07
C HIS A 283 11.31 15.11 8.92
N PRO A 284 12.03 15.32 10.02
CA PRO A 284 13.48 15.33 9.94
C PRO A 284 14.17 14.10 9.29
N PHE A 285 13.53 12.94 9.30
CA PHE A 285 14.07 11.76 8.56
C PHE A 285 14.37 12.09 7.10
N PHE A 286 13.68 13.05 6.48
CA PHE A 286 13.91 13.37 5.07
C PHE A 286 14.88 14.51 4.75
N GLN A 287 15.58 14.98 5.77
CA GLN A 287 16.46 16.09 5.56
C GLN A 287 17.57 15.73 4.61
N ASP A 288 18.01 14.48 4.62
CA ASP A 288 19.09 14.03 3.73
C ASP A 288 18.64 13.08 2.61
N VAL A 289 17.36 13.12 2.30
CA VAL A 289 16.85 12.28 1.18
C VAL A 289 17.57 12.53 -0.13
N THR A 290 17.78 11.43 -0.85
CA THR A 290 18.42 11.40 -2.15
C THR A 290 17.64 10.43 -3.04
N LYS A 291 18.04 10.25 -4.30
CA LYS A 291 17.31 9.34 -5.19
C LYS A 291 18.34 8.37 -5.80
N PRO A 292 18.69 7.32 -5.06
CA PRO A 292 19.62 6.33 -5.66
C PRO A 292 18.96 5.45 -6.69
N VAL A 293 19.82 4.78 -7.45
CA VAL A 293 19.49 3.80 -8.45
C VAL A 293 19.47 2.39 -7.81
N PRO A 294 18.35 1.66 -7.97
CA PRO A 294 18.40 0.27 -7.46
C PRO A 294 19.18 -0.63 -8.40
N HIS A 295 19.58 -1.80 -7.91
CA HIS A 295 20.16 -2.79 -8.85
C HIS A 295 19.06 -3.83 -9.12
N LEU A 296 18.41 -3.74 -10.32
CA LEU A 296 17.34 -4.59 -10.70
C LEU A 296 17.84 -5.64 -11.68
N ARG A 297 17.48 -6.90 -11.40
CA ARG A 297 17.75 -7.99 -12.31
C ARG A 297 16.39 -8.25 -12.94
N LEU A 298 16.27 -8.00 -14.23
CA LEU A 298 15.02 -8.16 -14.93
C LEU A 298 15.00 -9.39 -15.81
C5 6AE B . 6.32 -7.82 -11.55
C6 6AE B . 5.05 -7.38 -11.16
C7 6AE B . 4.34 -6.42 -11.85
C8 6AE B . 4.94 -5.87 -12.97
C10 6AE B . 6.94 -7.29 -12.66
C15 6AE B . 0.90 -2.81 -13.24
C20 6AE B . -0.36 -5.51 -9.51
C22 6AE B . -0.21 -4.14 -9.08
O21 6AE B . -1.74 -5.72 -9.98
C19 6AE B . 0.59 -5.61 -10.73
C23 6AE B . 0.37 -7.02 -11.27
N18 6AE B . 0.22 -4.56 -11.71
C14 6AE B . 1.14 -4.01 -12.54
N13 6AE B . 2.28 -4.65 -12.72
C16 6AE B . 1.92 -2.34 -14.09
N17 6AE B . 3.10 -3.02 -14.19
C12 6AE B . 3.28 -4.16 -13.49
N11 6AE B . 4.44 -4.85 -13.66
C9 6AE B . 6.24 -6.28 -13.31
S1 6AE B . 7.19 -9.04 -10.65
O2 6AE B . 8.09 -8.27 -9.82
O3 6AE B . 7.93 -9.92 -11.65
N4 6AE B . 6.22 -10.00 -9.78
#